data_6MM1
#
_entry.id   6MM1
#
_cell.length_a   47.996
_cell.length_b   54.358
_cell.length_c   59.317
_cell.angle_alpha   91.68
_cell.angle_beta   100.92
_cell.angle_gamma   96.89
#
_symmetry.space_group_name_H-M   'P 1'
#
loop_
_entity.id
_entity.type
_entity.pdbx_description
1 polymer 'Histone-lysine N-methyltransferase EHMT2'
2 non-polymer 'ZINC ION'
3 water water
#
_entity_poly.entity_id   1
_entity_poly.type   'polypeptide(L)'
_entity_poly.pdbx_seq_one_letter_code
;GSGFEELPLCSCRMEAPKIDRISERAGHKCMATESVDGELSGCNAAILKRETMRPSSRVALMVLCETHRARMVKHHCCPG
CGYFCTAGTFLECHPDFRVAHRFHKACVSQLNGMVFCPHCGEDASEAQEVTIPRGD
;
_entity_poly.pdbx_strand_id   A,B,C,D
#
# COMPACT_ATOMS: atom_id res chain seq x y z
N SER A 2 17.48 -4.90 -20.41
CA SER A 2 18.90 -4.90 -20.14
C SER A 2 19.51 -3.49 -20.19
N GLY A 3 18.80 -2.51 -20.78
CA GLY A 3 19.35 -1.19 -20.99
C GLY A 3 18.95 -0.16 -19.94
N PHE A 4 19.68 0.96 -19.96
CA PHE A 4 19.41 2.06 -19.04
C PHE A 4 17.96 2.51 -19.06
N GLU A 5 17.29 2.38 -20.21
CA GLU A 5 15.89 2.78 -20.36
C GLU A 5 14.96 2.08 -19.36
N GLU A 6 15.36 0.91 -18.85
CA GLU A 6 14.50 0.15 -17.93
C GLU A 6 14.68 0.55 -16.48
N LEU A 7 15.60 1.45 -16.19
CA LEU A 7 15.84 1.88 -14.82
C LEU A 7 14.75 2.83 -14.36
N PRO A 8 14.22 2.64 -13.15
CA PRO A 8 13.28 3.62 -12.59
C PRO A 8 14.00 4.90 -12.20
N LEU A 9 13.34 6.02 -12.44
CA LEU A 9 13.81 7.31 -11.94
C LEU A 9 12.80 7.82 -10.92
N CYS A 10 13.27 8.65 -9.99
CA CYS A 10 12.45 9.06 -8.86
C CYS A 10 11.43 10.10 -9.27
N SER A 11 10.44 10.33 -8.38
CA SER A 11 9.41 11.33 -8.58
C SER A 11 9.49 12.44 -7.53
N CYS A 12 10.68 12.62 -6.94
CA CYS A 12 10.87 13.55 -5.84
C CYS A 12 10.47 14.98 -6.21
N ARG A 13 10.58 15.36 -7.47
CA ARG A 13 10.26 16.72 -7.88
C ARG A 13 8.83 16.87 -8.40
N MET A 14 8.04 15.79 -8.41
CA MET A 14 6.69 15.86 -8.91
C MET A 14 5.72 16.22 -7.78
N GLU A 15 4.59 16.80 -8.16
CA GLU A 15 3.61 17.28 -7.20
C GLU A 15 2.24 16.87 -7.72
N ALA A 16 1.41 16.29 -6.84
CA ALA A 16 0.08 15.85 -7.26
C ALA A 16 -0.99 16.78 -6.71
N PRO A 17 -2.04 17.06 -7.47
CA PRO A 17 -3.05 18.03 -7.02
C PRO A 17 -3.80 17.55 -5.78
N LYS A 18 -4.38 18.52 -5.07
CA LYS A 18 -5.03 18.26 -3.78
C LYS A 18 -6.47 17.74 -3.92
N ILE A 19 -6.74 16.91 -4.94
CA ILE A 19 -8.11 16.52 -5.25
C ILE A 19 -8.55 15.24 -4.56
N ASP A 20 -7.71 14.63 -3.73
CA ASP A 20 -8.06 13.37 -3.09
C ASP A 20 -8.19 13.49 -1.58
N ARG A 21 -8.19 14.72 -1.07
CA ARG A 21 -8.37 15.01 0.35
C ARG A 21 -7.36 14.29 1.23
N ILE A 22 -6.14 14.06 0.72
CA ILE A 22 -5.10 13.43 1.53
C ILE A 22 -4.76 14.31 2.73
N SER A 23 -4.66 15.62 2.52
CA SER A 23 -4.33 16.50 3.64
C SER A 23 -5.41 16.45 4.73
N GLU A 24 -6.68 16.44 4.32
CA GLU A 24 -7.77 16.44 5.29
C GLU A 24 -7.77 15.15 6.12
N ARG A 25 -7.54 14.00 5.49
CA ARG A 25 -7.51 12.76 6.25
C ARG A 25 -6.32 12.68 7.19
N ALA A 26 -5.27 13.45 6.94
CA ALA A 26 -4.10 13.49 7.80
C ALA A 26 -4.21 14.58 8.87
N GLY A 27 -5.31 15.31 8.92
CA GLY A 27 -5.44 16.42 9.85
C GLY A 27 -4.54 17.58 9.53
N HIS A 28 -4.11 17.72 8.29
CA HIS A 28 -3.20 18.80 7.89
C HIS A 28 -1.89 18.75 8.67
N LYS A 29 -1.43 17.54 8.98
CA LYS A 29 -0.16 17.30 9.65
C LYS A 29 0.76 16.50 8.75
N CYS A 30 2.05 16.84 8.79
CA CYS A 30 3.01 16.23 7.88
C CYS A 30 3.05 14.72 8.02
N MET A 31 3.04 14.02 6.89
CA MET A 31 3.02 12.57 6.86
C MET A 31 4.42 11.94 6.68
N ALA A 32 5.49 12.74 6.82
CA ALA A 32 6.83 12.23 6.60
C ALA A 32 7.23 11.22 7.68
N THR A 33 8.03 10.24 7.27
CA THR A 33 8.68 9.31 8.20
C THR A 33 10.18 9.43 8.07
N GLU A 34 10.86 9.78 9.16
CA GLU A 34 12.31 9.80 9.21
C GLU A 34 12.87 8.43 9.59
N SER A 35 13.96 8.05 8.93
CA SER A 35 14.68 6.83 9.26
C SER A 35 16.11 7.18 9.68
N VAL A 36 16.51 6.70 10.85
CA VAL A 36 17.85 6.93 11.37
C VAL A 36 18.39 5.55 11.75
N ASP A 37 19.22 4.99 10.89
CA ASP A 37 19.70 3.62 11.03
C ASP A 37 18.57 2.67 11.42
N GLY A 38 17.48 2.75 10.66
CA GLY A 38 16.37 1.84 10.82
C GLY A 38 15.36 2.23 11.87
N GLU A 39 15.70 3.16 12.76
CA GLU A 39 14.73 3.69 13.72
C GLU A 39 13.82 4.68 13.00
N LEU A 40 12.52 4.46 13.10
CA LEU A 40 11.55 5.29 12.39
C LEU A 40 10.88 6.27 13.35
N SER A 41 10.66 7.49 12.87
CA SER A 41 9.96 8.47 13.68
C SER A 41 9.12 9.35 12.76
N GLY A 42 8.08 9.94 13.34
CA GLY A 42 7.15 10.73 12.55
C GLY A 42 7.47 12.20 12.57
N CYS A 43 6.65 12.98 11.87
CA CYS A 43 6.76 14.43 11.90
C CYS A 43 5.50 15.04 12.49
N ASN A 44 4.43 15.07 11.70
CA ASN A 44 3.12 15.62 12.09
C ASN A 44 3.16 17.12 12.39
N ALA A 45 4.15 17.84 11.89
CA ALA A 45 4.11 19.29 11.91
C ALA A 45 3.00 19.82 10.99
N ALA A 46 2.55 21.02 11.28
CA ALA A 46 1.47 21.62 10.52
C ALA A 46 1.94 21.94 9.11
N ILE A 47 1.09 21.64 8.13
CA ILE A 47 1.44 21.76 6.72
C ILE A 47 0.90 23.08 6.18
N LEU A 48 1.55 23.57 5.13
CA LEU A 48 1.16 24.81 4.47
C LEU A 48 0.50 24.58 3.11
N LYS A 49 0.95 23.58 2.36
CA LYS A 49 0.43 23.28 1.04
C LYS A 49 -0.18 21.89 1.02
N ARG A 50 -1.32 21.74 0.37
CA ARG A 50 -2.05 20.48 0.42
C ARG A 50 -1.74 19.55 -0.75
N GLU A 51 -0.96 20.00 -1.74
CA GLU A 51 -0.49 19.11 -2.79
C GLU A 51 0.37 18.02 -2.18
N THR A 52 0.44 16.86 -2.83
CA THR A 52 1.11 15.72 -2.23
C THR A 52 2.35 15.30 -3.02
N MET A 53 3.27 14.59 -2.35
CA MET A 53 4.54 14.21 -2.95
C MET A 53 4.94 12.81 -2.50
N ARG A 54 5.85 12.20 -3.27
CA ARG A 54 6.44 10.91 -2.92
C ARG A 54 7.68 10.70 -3.78
N PRO A 55 8.69 9.97 -3.29
CA PRO A 55 9.93 9.80 -4.07
C PRO A 55 9.78 8.79 -5.19
N SER A 56 8.83 7.87 -5.07
CA SER A 56 8.53 6.94 -6.15
C SER A 56 7.12 6.41 -5.91
N SER A 57 6.61 5.72 -6.91
CA SER A 57 5.28 5.15 -6.80
C SER A 57 5.23 3.90 -5.93
N ARG A 58 6.36 3.48 -5.35
CA ARG A 58 6.34 2.36 -4.43
C ARG A 58 5.57 2.68 -3.15
N VAL A 59 5.36 3.97 -2.84
CA VAL A 59 4.74 4.38 -1.60
C VAL A 59 3.58 5.31 -1.90
N ALA A 60 2.72 5.48 -0.91
CA ALA A 60 1.55 6.34 -1.04
C ALA A 60 1.94 7.82 -1.03
N LEU A 61 1.11 8.65 -1.65
CA LEU A 61 1.34 10.08 -1.68
C LEU A 61 1.20 10.68 -0.28
N MET A 62 2.03 11.68 0.00
CA MET A 62 2.13 12.30 1.32
C MET A 62 1.92 13.80 1.21
N VAL A 63 1.13 14.37 2.13
CA VAL A 63 1.20 15.80 2.37
C VAL A 63 2.37 16.04 3.33
N LEU A 64 3.12 17.12 3.12
CA LEU A 64 4.35 17.36 3.85
C LEU A 64 4.42 18.79 4.35
N CYS A 65 5.07 18.96 5.50
CA CYS A 65 5.43 20.27 6.00
C CYS A 65 6.51 20.89 5.11
N GLU A 66 6.72 22.19 5.27
CA GLU A 66 7.63 22.87 4.34
C GLU A 66 9.05 22.34 4.45
N THR A 67 9.48 21.96 5.65
CA THR A 67 10.82 21.39 5.83
C THR A 67 10.97 20.07 5.09
N HIS A 68 9.95 19.22 5.15
CA HIS A 68 10.07 17.94 4.50
C HIS A 68 9.84 18.03 3.00
N ARG A 69 9.05 18.99 2.53
CA ARG A 69 9.02 19.25 1.08
C ARG A 69 10.38 19.73 0.58
N ALA A 70 11.02 20.60 1.36
CA ALA A 70 12.36 21.07 1.01
C ALA A 70 13.34 19.90 0.93
N ARG A 71 13.25 18.97 1.87
CA ARG A 71 14.17 17.83 1.83
C ARG A 71 13.82 16.88 0.69
N MET A 72 12.52 16.72 0.42
CA MET A 72 12.09 15.85 -0.66
C MET A 72 12.65 16.31 -2.01
N VAL A 73 12.56 17.62 -2.30
CA VAL A 73 13.03 18.06 -3.60
C VAL A 73 14.54 18.02 -3.74
N LYS A 74 15.28 17.93 -2.62
CA LYS A 74 16.73 17.72 -2.66
C LYS A 74 17.11 16.26 -2.81
N HIS A 75 16.14 15.36 -3.02
CA HIS A 75 16.38 13.93 -3.16
C HIS A 75 16.94 13.33 -1.88
N HIS A 76 16.47 13.83 -0.72
CA HIS A 76 16.87 13.28 0.56
C HIS A 76 15.92 12.20 1.08
N CYS A 77 14.84 11.91 0.35
CA CYS A 77 13.92 10.85 0.71
C CYS A 77 14.23 9.62 -0.13
N CYS A 78 14.23 8.45 0.50
CA CYS A 78 14.61 7.23 -0.22
C CYS A 78 13.48 6.76 -1.14
N PRO A 79 13.72 6.62 -2.44
CA PRO A 79 12.67 6.10 -3.32
C PRO A 79 12.34 4.64 -3.06
N GLY A 80 13.20 3.90 -2.37
CA GLY A 80 12.96 2.48 -2.20
C GLY A 80 11.91 2.22 -1.15
N CYS A 81 12.02 2.92 -0.01
CA CYS A 81 11.12 2.71 1.12
C CYS A 81 10.24 3.90 1.42
N GLY A 82 10.58 5.09 0.94
CA GLY A 82 9.82 6.27 1.24
C GLY A 82 10.16 6.96 2.53
N TYR A 83 11.24 6.56 3.20
CA TYR A 83 11.68 7.22 4.42
C TYR A 83 12.75 8.25 4.12
N PHE A 84 12.74 9.33 4.90
CA PHE A 84 13.75 10.37 4.74
C PHE A 84 15.07 9.95 5.35
N CYS A 85 16.16 10.26 4.66
CA CYS A 85 17.51 10.01 5.15
C CYS A 85 18.06 11.33 5.66
N THR A 86 17.79 11.66 6.92
CA THR A 86 18.30 12.91 7.46
C THR A 86 19.43 12.74 8.46
N ALA A 87 19.50 11.61 9.16
CA ALA A 87 20.60 11.34 10.09
C ALA A 87 20.95 9.85 10.04
N GLY A 88 22.08 9.51 10.65
CA GLY A 88 22.55 8.15 10.64
C GLY A 88 23.44 7.88 9.44
N THR A 89 23.51 6.62 9.06
CA THR A 89 24.33 6.17 7.96
C THR A 89 23.45 5.80 6.77
N PHE A 90 23.85 6.24 5.58
CA PHE A 90 23.15 5.91 4.34
C PHE A 90 24.10 6.18 3.19
N LEU A 91 23.63 5.91 1.99
CA LEU A 91 24.40 6.13 0.78
C LEU A 91 24.02 7.44 0.10
N GLU A 92 25.00 8.06 -0.55
CA GLU A 92 24.81 9.29 -1.30
C GLU A 92 25.47 9.16 -2.67
N CYS A 93 24.70 9.45 -3.70
CA CYS A 93 25.19 9.59 -5.06
C CYS A 93 25.40 11.08 -5.31
N HIS A 94 26.51 11.44 -5.98
CA HIS A 94 26.90 12.84 -6.16
C HIS A 94 27.01 13.17 -7.65
N PRO A 95 25.90 13.47 -8.31
CA PRO A 95 25.94 13.71 -9.75
C PRO A 95 26.51 15.07 -10.15
N ASP A 96 26.58 16.02 -9.22
CA ASP A 96 26.98 17.38 -9.55
C ASP A 96 27.30 18.10 -8.25
N PHE A 97 27.85 19.30 -8.39
CA PHE A 97 28.30 20.11 -7.26
C PHE A 97 27.16 20.34 -6.27
N ARG A 98 27.39 19.95 -5.01
CA ARG A 98 26.42 20.14 -3.92
C ARG A 98 25.06 19.53 -4.23
N VAL A 99 25.05 18.43 -5.00
CA VAL A 99 23.84 17.63 -5.20
C VAL A 99 24.11 16.25 -4.62
N ALA A 100 23.18 15.78 -3.78
CA ALA A 100 23.28 14.47 -3.15
C ALA A 100 21.95 13.75 -3.29
N HIS A 101 21.98 12.56 -3.86
CA HIS A 101 20.84 11.65 -3.88
C HIS A 101 21.03 10.65 -2.76
N ARG A 102 20.13 10.65 -1.77
CA ARG A 102 20.31 9.81 -0.61
C ARG A 102 19.42 8.59 -0.71
N PHE A 103 19.94 7.45 -0.28
CA PHE A 103 19.16 6.22 -0.31
C PHE A 103 19.83 5.19 0.59
N HIS A 104 19.06 4.16 0.95
CA HIS A 104 19.58 3.05 1.72
C HIS A 104 20.25 2.03 0.82
N LYS A 105 21.31 1.41 1.34
CA LYS A 105 21.99 0.36 0.56
C LYS A 105 20.99 -0.68 0.06
N ALA A 106 20.03 -1.05 0.89
CA ALA A 106 19.06 -2.08 0.51
C ALA A 106 18.02 -1.57 -0.49
N CYS A 107 17.98 -0.27 -0.76
CA CYS A 107 16.94 0.30 -1.59
C CYS A 107 17.47 0.73 -2.96
N VAL A 108 18.65 0.24 -3.35
CA VAL A 108 19.17 0.55 -4.67
C VAL A 108 18.26 -0.07 -5.73
N SER A 109 18.25 0.54 -6.92
CA SER A 109 17.66 -0.15 -8.06
C SER A 109 18.56 -1.31 -8.47
N GLN A 110 17.94 -2.32 -9.07
CA GLN A 110 18.70 -3.47 -9.56
C GLN A 110 18.30 -3.79 -10.99
N LEU A 111 19.29 -3.99 -11.85
CA LEU A 111 19.04 -4.33 -13.24
C LEU A 111 20.21 -5.17 -13.72
N ASN A 112 19.92 -6.30 -14.36
CA ASN A 112 20.95 -7.25 -14.83
C ASN A 112 21.90 -7.66 -13.72
N GLY A 113 21.42 -7.67 -12.48
CA GLY A 113 22.28 -8.05 -11.38
C GLY A 113 23.19 -6.95 -10.87
N MET A 114 23.12 -5.76 -11.44
CA MET A 114 23.89 -4.60 -10.99
C MET A 114 22.98 -3.65 -10.23
N VAL A 115 23.60 -2.71 -9.51
CA VAL A 115 22.89 -1.82 -8.62
C VAL A 115 23.05 -0.38 -9.10
N PHE A 116 22.02 0.44 -8.89
CA PHE A 116 22.00 1.80 -9.40
C PHE A 116 21.31 2.73 -8.43
N CYS A 117 21.65 4.02 -8.53
CA CYS A 117 20.99 5.03 -7.72
C CYS A 117 19.50 5.02 -8.04
N PRO A 118 18.62 4.89 -7.05
CA PRO A 118 17.18 4.88 -7.33
C PRO A 118 16.61 6.25 -7.64
N HIS A 119 17.40 7.33 -7.56
CA HIS A 119 16.90 8.61 -8.04
C HIS A 119 17.16 8.76 -9.53
N CYS A 120 18.44 8.65 -9.93
CA CYS A 120 18.90 9.08 -11.24
C CYS A 120 19.44 7.97 -12.10
N GLY A 121 19.64 6.77 -11.57
CA GLY A 121 20.08 5.64 -12.35
C GLY A 121 21.59 5.50 -12.52
N GLU A 122 22.38 6.36 -11.90
CA GLU A 122 23.83 6.20 -11.95
C GLU A 122 24.26 4.93 -11.21
N ASP A 123 25.37 4.32 -11.66
CA ASP A 123 25.88 3.12 -11.01
C ASP A 123 26.09 3.37 -9.51
N ALA A 124 25.58 2.47 -8.69
CA ALA A 124 25.62 2.63 -7.24
C ALA A 124 26.92 2.17 -6.60
N SER A 125 27.76 1.42 -7.32
CA SER A 125 29.11 1.21 -6.80
C SER A 125 29.84 2.53 -6.63
N GLU A 126 29.45 3.54 -7.39
CA GLU A 126 29.92 4.93 -7.28
C GLU A 126 29.47 5.61 -5.99
N ALA A 127 28.53 5.03 -5.25
CA ALA A 127 27.90 5.74 -4.15
C ALA A 127 28.77 5.74 -2.91
N GLN A 128 28.85 6.89 -2.25
CA GLN A 128 29.61 7.01 -1.02
C GLN A 128 28.75 6.66 0.19
N GLU A 129 29.39 6.12 1.22
CA GLU A 129 28.73 5.91 2.51
C GLU A 129 28.92 7.15 3.37
N VAL A 130 27.83 7.65 3.95
CA VAL A 130 27.82 8.91 4.70
C VAL A 130 27.18 8.68 6.06
N THR A 131 27.70 9.37 7.09
CA THR A 131 27.16 9.36 8.44
C THR A 131 26.93 10.79 8.89
N ILE A 132 25.69 11.13 9.18
CA ILE A 132 25.28 12.48 9.51
C ILE A 132 24.74 12.47 10.94
N PRO A 133 25.21 13.35 11.82
CA PRO A 133 24.68 13.38 13.19
C PRO A 133 23.26 13.94 13.21
N ARG A 134 22.53 13.58 14.26
CA ARG A 134 21.15 14.04 14.43
C ARG A 134 21.05 15.57 14.53
N GLY B 3 -1.99 3.57 -17.71
CA GLY B 3 -2.36 2.26 -17.18
C GLY B 3 -2.97 2.27 -15.79
N PHE B 4 -4.15 1.65 -15.65
CA PHE B 4 -4.84 1.55 -14.36
C PHE B 4 -4.00 0.78 -13.34
N GLU B 5 -3.18 -0.16 -13.79
CA GLU B 5 -2.25 -0.90 -12.95
C GLU B 5 -0.97 -1.16 -13.73
N GLU B 6 0.18 -0.77 -13.17
CA GLU B 6 1.48 -1.11 -13.76
C GLU B 6 2.29 -1.95 -12.78
N LEU B 7 1.70 -3.02 -12.27
CA LEU B 7 2.42 -3.93 -11.42
C LEU B 7 3.50 -4.64 -12.22
N PRO B 8 4.68 -4.87 -11.65
CA PRO B 8 5.68 -5.70 -12.32
C PRO B 8 5.14 -7.10 -12.61
N LEU B 9 5.54 -7.64 -13.75
CA LEU B 9 5.24 -9.02 -14.12
C LEU B 9 6.54 -9.75 -14.42
N CYS B 10 6.55 -11.05 -14.17
CA CYS B 10 7.74 -11.86 -14.35
C CYS B 10 8.00 -12.16 -15.83
N SER B 11 9.22 -12.62 -16.12
CA SER B 11 9.61 -13.13 -17.42
C SER B 11 10.02 -14.59 -17.36
N CYS B 12 9.51 -15.31 -16.33
CA CYS B 12 9.93 -16.69 -16.09
C CYS B 12 9.83 -17.57 -17.32
N ARG B 13 8.86 -17.32 -18.20
CA ARG B 13 8.64 -18.20 -19.34
C ARG B 13 9.31 -17.71 -20.62
N MET B 14 9.95 -16.55 -20.60
CA MET B 14 10.71 -16.09 -21.75
C MET B 14 11.96 -16.94 -21.93
N GLU B 15 12.31 -17.23 -23.18
CA GLU B 15 13.57 -17.90 -23.50
C GLU B 15 14.28 -17.04 -24.55
N ALA B 16 15.24 -16.25 -24.10
CA ALA B 16 16.00 -15.37 -24.97
C ALA B 16 17.05 -16.17 -25.75
N PRO B 17 17.48 -15.66 -26.91
CA PRO B 17 18.51 -16.37 -27.68
C PRO B 17 19.80 -16.51 -26.88
N LYS B 18 20.62 -17.46 -27.31
CA LYS B 18 21.85 -17.74 -26.59
C LYS B 18 22.80 -16.55 -26.69
N ILE B 19 23.59 -16.35 -25.66
CA ILE B 19 24.63 -15.33 -25.62
C ILE B 19 25.93 -16.07 -25.34
N ASP B 20 26.82 -16.09 -26.32
CA ASP B 20 27.98 -16.98 -26.23
C ASP B 20 28.85 -16.65 -25.03
N ARG B 21 29.01 -15.36 -24.73
CA ARG B 21 29.87 -14.97 -23.62
C ARG B 21 29.30 -15.46 -22.28
N ILE B 22 27.98 -15.47 -22.13
CA ILE B 22 27.38 -16.05 -20.93
C ILE B 22 27.70 -17.53 -20.85
N SER B 23 27.51 -18.26 -21.96
CA SER B 23 27.75 -19.70 -21.97
C SER B 23 29.20 -20.02 -21.63
N GLU B 24 30.15 -19.33 -22.28
CA GLU B 24 31.56 -19.57 -22.04
C GLU B 24 31.94 -19.25 -20.60
N ARG B 25 31.52 -18.09 -20.10
CA ARG B 25 31.87 -17.71 -18.75
C ARG B 25 31.33 -18.69 -17.72
N ALA B 26 30.20 -19.34 -18.02
CA ALA B 26 29.66 -20.35 -17.12
C ALA B 26 30.27 -21.72 -17.33
N GLY B 27 31.23 -21.85 -18.25
CA GLY B 27 31.74 -23.16 -18.61
C GLY B 27 30.67 -24.10 -19.10
N HIS B 28 29.60 -23.57 -19.70
CA HIS B 28 28.45 -24.35 -20.16
C HIS B 28 27.87 -25.20 -19.04
N LYS B 29 27.86 -24.64 -17.82
CA LYS B 29 27.27 -25.27 -16.66
C LYS B 29 26.16 -24.37 -16.11
N CYS B 30 25.19 -25.01 -15.47
CA CYS B 30 24.01 -24.33 -14.94
C CYS B 30 24.39 -23.19 -14.00
N MET B 31 23.76 -22.03 -14.21
CA MET B 31 24.05 -20.84 -13.42
C MET B 31 23.06 -20.64 -12.28
N ALA B 32 22.18 -21.59 -12.02
CA ALA B 32 21.13 -21.40 -11.03
C ALA B 32 21.70 -21.27 -9.62
N THR B 33 20.96 -20.54 -8.77
CA THR B 33 21.26 -20.46 -7.34
C THR B 33 20.01 -20.88 -6.57
N GLU B 34 20.16 -21.86 -5.69
CA GLU B 34 19.12 -22.31 -4.79
C GLU B 34 19.23 -21.57 -3.46
N SER B 35 18.08 -21.23 -2.89
CA SER B 35 18.01 -20.67 -1.55
C SER B 35 17.11 -21.55 -0.71
N VAL B 36 17.65 -22.06 0.39
CA VAL B 36 16.89 -22.82 1.38
C VAL B 36 16.98 -22.05 2.69
N ASP B 37 15.91 -21.34 3.03
CA ASP B 37 15.88 -20.47 4.21
C ASP B 37 17.16 -19.63 4.31
N GLY B 38 17.48 -18.94 3.20
CA GLY B 38 18.63 -18.07 3.15
C GLY B 38 19.96 -18.73 2.81
N GLU B 39 20.09 -20.05 2.97
CA GLU B 39 21.32 -20.74 2.58
C GLU B 39 21.37 -20.89 1.06
N LEU B 40 22.44 -20.38 0.46
CA LEU B 40 22.57 -20.36 -1.00
C LEU B 40 23.49 -21.47 -1.46
N SER B 41 23.16 -22.08 -2.60
CA SER B 41 24.02 -23.10 -3.17
C SER B 41 23.82 -23.12 -4.68
N GLY B 42 24.84 -23.61 -5.40
CA GLY B 42 24.83 -23.61 -6.84
C GLY B 42 24.39 -24.93 -7.44
N CYS B 43 24.58 -25.03 -8.75
CA CYS B 43 24.30 -26.24 -9.51
C CYS B 43 25.39 -26.33 -10.57
N ASN B 44 25.95 -27.52 -10.74
CA ASN B 44 27.07 -27.65 -11.68
C ASN B 44 26.73 -28.53 -12.87
N ALA B 45 25.48 -28.93 -13.04
CA ALA B 45 25.11 -29.78 -14.16
C ALA B 45 25.35 -29.06 -15.49
N ALA B 46 25.74 -29.83 -16.49
CA ALA B 46 25.97 -29.26 -17.81
C ALA B 46 24.63 -28.91 -18.45
N ILE B 47 24.63 -27.86 -19.27
CA ILE B 47 23.39 -27.41 -19.90
C ILE B 47 23.19 -28.17 -21.22
N LEU B 48 21.93 -28.45 -21.52
CA LEU B 48 21.53 -29.04 -22.80
C LEU B 48 21.11 -27.99 -23.82
N LYS B 49 20.53 -26.89 -23.35
CA LYS B 49 20.10 -25.79 -24.19
C LYS B 49 20.76 -24.51 -23.71
N ARG B 50 21.08 -23.62 -24.64
CA ARG B 50 21.83 -22.42 -24.33
C ARG B 50 20.99 -21.16 -24.34
N GLU B 51 19.68 -21.27 -24.56
CA GLU B 51 18.80 -20.12 -24.41
C GLU B 51 18.95 -19.54 -23.02
N THR B 52 18.83 -18.22 -22.92
CA THR B 52 19.05 -17.55 -21.65
C THR B 52 17.72 -17.22 -20.99
N MET B 53 17.70 -17.29 -19.66
CA MET B 53 16.45 -17.13 -18.91
C MET B 53 16.71 -16.35 -17.63
N ARG B 54 15.63 -15.76 -17.09
CA ARG B 54 15.65 -15.09 -15.80
C ARG B 54 14.24 -14.74 -15.39
N PRO B 55 13.93 -14.72 -14.08
CA PRO B 55 12.55 -14.43 -13.66
C PRO B 55 12.17 -12.96 -13.76
N SER B 56 13.15 -12.07 -13.87
CA SER B 56 12.87 -10.65 -14.05
C SER B 56 14.14 -9.98 -14.54
N SER B 57 14.02 -8.72 -14.93
CA SER B 57 15.20 -7.98 -15.37
C SER B 57 16.06 -7.51 -14.21
N ARG B 58 15.63 -7.76 -12.97
CA ARG B 58 16.45 -7.39 -11.84
C ARG B 58 17.77 -8.14 -11.82
N VAL B 59 17.80 -9.34 -12.39
CA VAL B 59 18.94 -10.24 -12.30
C VAL B 59 19.49 -10.50 -13.69
N ALA B 60 20.69 -11.07 -13.73
CA ALA B 60 21.35 -11.32 -15.00
C ALA B 60 20.76 -12.55 -15.71
N LEU B 61 20.82 -12.53 -17.03
CA LEU B 61 20.45 -13.71 -17.82
C LEU B 61 21.33 -14.89 -17.43
N MET B 62 20.72 -16.07 -17.37
CA MET B 62 21.39 -17.31 -17.02
C MET B 62 21.19 -18.37 -18.09
N VAL B 63 22.17 -19.26 -18.22
CA VAL B 63 21.94 -20.54 -18.88
C VAL B 63 21.64 -21.56 -17.78
N LEU B 64 20.78 -22.54 -18.08
CA LEU B 64 20.30 -23.43 -17.03
C LEU B 64 20.28 -24.88 -17.51
N CYS B 65 20.44 -25.79 -16.56
CA CYS B 65 20.23 -27.20 -16.84
C CYS B 65 18.74 -27.44 -17.00
N GLU B 66 18.40 -28.63 -17.51
CA GLU B 66 16.99 -28.91 -17.78
C GLU B 66 16.14 -28.92 -16.51
N THR B 67 16.70 -29.34 -15.38
CA THR B 67 15.92 -29.33 -14.14
C THR B 67 15.58 -27.91 -13.72
N HIS B 68 16.56 -27.01 -13.77
CA HIS B 68 16.27 -25.64 -13.36
C HIS B 68 15.48 -24.88 -14.42
N ARG B 69 15.61 -25.23 -15.70
CA ARG B 69 14.70 -24.67 -16.70
C ARG B 69 13.26 -25.07 -16.41
N ALA B 70 13.05 -26.35 -16.09
CA ALA B 70 11.70 -26.81 -15.74
C ALA B 70 11.18 -26.09 -14.52
N ARG B 71 12.03 -25.87 -13.52
CA ARG B 71 11.56 -25.14 -12.34
C ARG B 71 11.27 -23.68 -12.65
N MET B 72 12.05 -23.09 -13.55
CA MET B 72 11.84 -21.72 -13.98
C MET B 72 10.47 -21.56 -14.63
N VAL B 73 10.13 -22.47 -15.54
CA VAL B 73 8.90 -22.36 -16.29
C VAL B 73 7.66 -22.51 -15.40
N LYS B 74 7.79 -23.15 -14.24
CA LYS B 74 6.67 -23.26 -13.31
C LYS B 74 6.61 -22.10 -12.31
N HIS B 75 7.39 -21.04 -12.52
CA HIS B 75 7.41 -19.87 -11.64
C HIS B 75 7.96 -20.18 -10.25
N HIS B 76 8.86 -21.15 -10.14
CA HIS B 76 9.49 -21.48 -8.85
C HIS B 76 10.77 -20.68 -8.58
N CYS B 77 11.20 -19.81 -9.49
CA CYS B 77 12.31 -18.89 -9.24
C CYS B 77 11.79 -17.53 -8.81
N CYS B 78 12.40 -16.96 -7.78
CA CYS B 78 11.92 -15.69 -7.24
C CYS B 78 12.30 -14.55 -8.17
N PRO B 79 11.33 -13.78 -8.69
CA PRO B 79 11.67 -12.62 -9.52
C PRO B 79 12.37 -11.50 -8.75
N GLY B 80 12.25 -11.46 -7.42
CA GLY B 80 12.86 -10.37 -6.69
C GLY B 80 14.37 -10.52 -6.59
N CYS B 81 14.83 -11.70 -6.20
CA CYS B 81 16.23 -11.94 -5.95
C CYS B 81 16.89 -12.87 -6.96
N GLY B 82 16.11 -13.64 -7.71
CA GLY B 82 16.66 -14.52 -8.72
C GLY B 82 17.05 -15.89 -8.21
N TYR B 83 16.80 -16.18 -6.94
CA TYR B 83 17.11 -17.49 -6.35
C TYR B 83 15.91 -18.42 -6.50
N PHE B 84 16.18 -19.70 -6.70
CA PHE B 84 15.10 -20.67 -6.81
C PHE B 84 14.55 -20.99 -5.42
N CYS B 85 13.23 -21.10 -5.32
CA CYS B 85 12.56 -21.50 -4.09
C CYS B 85 12.21 -22.98 -4.22
N THR B 86 13.18 -23.83 -3.89
CA THR B 86 12.98 -25.27 -4.01
C THR B 86 12.66 -25.95 -2.69
N ALA B 87 13.24 -25.47 -1.59
CA ALA B 87 12.94 -26.06 -0.30
C ALA B 87 12.99 -24.96 0.75
N GLY B 88 12.56 -25.31 1.96
CA GLY B 88 12.47 -24.35 3.03
C GLY B 88 11.14 -23.61 2.95
N THR B 89 11.09 -22.46 3.62
CA THR B 89 9.87 -21.69 3.75
C THR B 89 9.88 -20.49 2.82
N PHE B 90 8.76 -20.26 2.14
CA PHE B 90 8.62 -19.11 1.27
C PHE B 90 7.13 -18.90 1.04
N LEU B 91 6.79 -17.94 0.18
CA LEU B 91 5.41 -17.60 -0.14
C LEU B 91 5.03 -18.19 -1.49
N GLU B 92 3.74 -18.50 -1.63
CA GLU B 92 3.18 -19.08 -2.85
C GLU B 92 1.86 -18.41 -3.16
N CYS B 93 1.74 -17.89 -4.38
CA CYS B 93 0.52 -17.31 -4.90
C CYS B 93 -0.14 -18.34 -5.80
N HIS B 94 -1.43 -18.60 -5.60
CA HIS B 94 -2.14 -19.63 -6.36
C HIS B 94 -3.27 -19.00 -7.18
N PRO B 95 -2.99 -18.51 -8.38
CA PRO B 95 -4.01 -17.79 -9.16
C PRO B 95 -4.80 -18.66 -10.13
N ASP B 96 -4.43 -19.92 -10.30
CA ASP B 96 -5.08 -20.79 -11.28
C ASP B 96 -4.87 -22.22 -10.78
N PHE B 97 -5.53 -23.15 -11.44
CA PHE B 97 -5.44 -24.55 -11.05
C PHE B 97 -4.01 -25.06 -11.21
N ARG B 98 -3.46 -25.62 -10.13
CA ARG B 98 -2.12 -26.22 -10.13
CA ARG B 98 -2.12 -26.22 -10.14
C ARG B 98 -1.05 -25.22 -10.56
N VAL B 99 -1.21 -23.97 -10.16
CA VAL B 99 -0.22 -22.94 -10.45
C VAL B 99 0.32 -22.43 -9.12
N ALA B 100 1.65 -22.27 -9.05
CA ALA B 100 2.30 -21.82 -7.83
C ALA B 100 3.35 -20.79 -8.20
N HIS B 101 3.08 -19.52 -7.91
CA HIS B 101 3.99 -18.40 -8.05
C HIS B 101 4.80 -18.31 -6.75
N ARG B 102 6.08 -18.72 -6.74
CA ARG B 102 6.88 -18.76 -5.51
C ARG B 102 7.74 -17.53 -5.39
N PHE B 103 7.86 -17.01 -4.17
CA PHE B 103 8.73 -15.86 -3.94
C PHE B 103 8.94 -15.69 -2.44
N HIS B 104 10.03 -15.01 -2.09
CA HIS B 104 10.28 -14.68 -0.69
C HIS B 104 9.45 -13.48 -0.25
N LYS B 105 9.09 -13.46 1.04
CA LYS B 105 8.28 -12.36 1.55
C LYS B 105 8.95 -11.01 1.30
N ALA B 106 10.27 -10.96 1.44
CA ALA B 106 11.04 -9.74 1.22
C ALA B 106 11.10 -9.31 -0.25
N CYS B 107 10.58 -10.12 -1.17
CA CYS B 107 10.72 -9.86 -2.60
C CYS B 107 9.38 -9.56 -3.27
N VAL B 108 8.34 -9.23 -2.51
CA VAL B 108 7.06 -8.86 -3.10
C VAL B 108 7.24 -7.57 -3.92
N SER B 109 6.41 -7.40 -4.93
CA SER B 109 6.30 -6.08 -5.55
C SER B 109 5.68 -5.12 -4.54
N GLN B 110 6.07 -3.86 -4.59
CA GLN B 110 5.46 -2.84 -3.75
C GLN B 110 5.00 -1.70 -4.63
N LEU B 111 3.72 -1.34 -4.52
CA LEU B 111 3.16 -0.24 -5.28
C LEU B 111 2.16 0.48 -4.39
N ASN B 112 2.27 1.81 -4.31
CA ASN B 112 1.34 2.63 -3.53
C ASN B 112 1.22 2.16 -2.07
N GLY B 113 2.31 1.63 -1.51
CA GLY B 113 2.32 1.13 -0.15
C GLY B 113 1.71 -0.23 0.07
N MET B 114 1.32 -0.92 -1.00
CA MET B 114 0.75 -2.26 -0.91
C MET B 114 1.69 -3.25 -1.58
N VAL B 115 1.51 -4.54 -1.27
CA VAL B 115 2.45 -5.55 -1.77
C VAL B 115 1.71 -6.56 -2.64
N PHE B 116 2.42 -7.07 -3.66
CA PHE B 116 1.84 -7.90 -4.70
C PHE B 116 2.77 -9.03 -5.10
N CYS B 117 2.19 -10.11 -5.60
CA CYS B 117 2.94 -11.19 -6.20
C CYS B 117 3.84 -10.64 -7.29
N PRO B 118 5.16 -10.87 -7.22
CA PRO B 118 6.06 -10.36 -8.26
C PRO B 118 6.00 -11.16 -9.56
N HIS B 119 5.21 -12.23 -9.64
CA HIS B 119 4.98 -12.86 -10.94
C HIS B 119 3.76 -12.29 -11.67
N CYS B 120 2.61 -12.22 -11.00
CA CYS B 120 1.37 -11.89 -11.68
C CYS B 120 0.71 -10.60 -11.19
N GLY B 121 1.20 -10.00 -10.10
CA GLY B 121 0.60 -8.78 -9.57
C GLY B 121 -0.59 -8.99 -8.67
N GLU B 122 -0.99 -10.23 -8.39
CA GLU B 122 -2.10 -10.41 -7.45
C GLU B 122 -1.70 -9.88 -6.08
N ASP B 123 -2.68 -9.38 -5.35
CA ASP B 123 -2.44 -8.91 -3.99
C ASP B 123 -1.74 -9.98 -3.18
N ALA B 124 -0.62 -9.60 -2.54
CA ALA B 124 0.23 -10.53 -1.80
C ALA B 124 -0.31 -10.90 -0.43
N SER B 125 -1.53 -10.48 -0.09
CA SER B 125 -2.14 -10.97 1.14
C SER B 125 -2.71 -12.38 0.95
N GLU B 126 -3.12 -12.71 -0.27
CA GLU B 126 -3.73 -14.00 -0.58
C GLU B 126 -2.71 -15.04 -1.02
N ALA B 127 -1.45 -14.91 -0.61
CA ALA B 127 -0.43 -15.91 -0.86
C ALA B 127 -0.16 -16.67 0.44
N GLN B 128 -0.09 -17.99 0.34
CA GLN B 128 0.13 -18.82 1.51
C GLN B 128 1.62 -18.93 1.80
N GLU B 129 1.96 -18.96 3.09
CA GLU B 129 3.31 -19.30 3.51
C GLU B 129 3.44 -20.81 3.55
N VAL B 130 4.39 -21.35 2.79
CA VAL B 130 4.57 -22.79 2.68
C VAL B 130 5.97 -23.17 3.13
N THR B 131 6.11 -24.43 3.55
CA THR B 131 7.40 -25.02 3.89
C THR B 131 7.52 -26.31 3.13
N ILE B 132 8.55 -26.40 2.30
CA ILE B 132 8.73 -27.48 1.34
C ILE B 132 9.97 -28.30 1.77
N PRO B 133 9.84 -29.60 1.93
CA PRO B 133 11.03 -30.40 2.28
C PRO B 133 11.97 -30.56 1.10
N ARG B 134 13.26 -30.69 1.41
CA ARG B 134 14.24 -31.01 0.38
C ARG B 134 13.94 -32.39 -0.21
N GLY B 135 14.27 -32.55 -1.49
CA GLY B 135 14.21 -33.85 -2.15
C GLY B 135 12.91 -34.10 -2.89
N ASP B 136 12.89 -35.18 -3.66
CA ASP B 136 11.68 -35.62 -4.36
C ASP B 136 10.64 -36.19 -3.38
N GLY C 3 -11.65 -12.46 47.14
CA GLY C 3 -12.76 -11.68 46.63
C GLY C 3 -12.48 -10.92 45.33
N PHE C 4 -12.95 -9.68 45.27
CA PHE C 4 -12.77 -8.88 44.05
C PHE C 4 -11.34 -8.40 43.87
N GLU C 5 -10.47 -8.57 44.87
CA GLU C 5 -9.07 -8.25 44.67
C GLU C 5 -8.44 -9.12 43.59
N GLU C 6 -9.09 -10.22 43.23
CA GLU C 6 -8.61 -11.12 42.18
C GLU C 6 -9.21 -10.82 40.81
N LEU C 7 -10.07 -9.81 40.71
CA LEU C 7 -10.72 -9.52 39.44
C LEU C 7 -9.73 -8.91 38.46
N PRO C 8 -9.54 -9.48 37.28
CA PRO C 8 -8.61 -8.89 36.31
C PRO C 8 -9.05 -7.52 35.83
N LEU C 9 -8.09 -6.60 35.74
CA LEU C 9 -8.25 -5.36 34.99
C LEU C 9 -7.19 -5.33 33.90
N CYS C 10 -7.48 -4.65 32.80
CA CYS C 10 -6.61 -4.70 31.64
C CYS C 10 -5.40 -3.79 31.81
N SER C 11 -4.43 -3.97 30.92
CA SER C 11 -3.23 -3.15 30.87
C SER C 11 -3.11 -2.43 29.54
N CYS C 12 -4.26 -2.20 28.89
CA CYS C 12 -4.27 -1.69 27.52
C CYS C 12 -3.55 -0.35 27.39
N ARG C 13 -3.46 0.42 28.48
CA ARG C 13 -2.85 1.74 28.42
C ARG C 13 -1.45 1.78 29.03
N MET C 14 -0.88 0.64 29.39
CA MET C 14 0.50 0.60 29.85
C MET C 14 1.46 0.42 28.66
N GLU C 15 2.72 0.80 28.87
CA GLU C 15 3.79 0.54 27.92
C GLU C 15 5.01 0.00 28.66
N ALA C 16 5.67 -1.01 28.06
CA ALA C 16 6.89 -1.49 28.67
C ALA C 16 8.10 -1.00 27.89
N PRO C 17 9.19 -0.69 28.57
CA PRO C 17 10.35 -0.12 27.88
C PRO C 17 10.98 -1.10 26.90
N LYS C 18 11.72 -0.55 25.93
CA LYS C 18 12.30 -1.35 24.87
C LYS C 18 13.60 -2.04 25.26
N ILE C 19 13.62 -2.76 26.39
CA ILE C 19 14.87 -3.33 26.92
C ILE C 19 15.01 -4.83 26.63
N ASP C 20 14.13 -5.43 25.83
CA ASP C 20 14.19 -6.88 25.70
C ASP C 20 14.20 -7.37 24.26
N ARG C 21 14.51 -6.49 23.30
CA ARG C 21 14.72 -6.86 21.90
C ARG C 21 13.46 -7.42 21.24
N ILE C 22 12.28 -7.12 21.81
CA ILE C 22 11.05 -7.61 21.20
C ILE C 22 10.88 -7.06 19.79
N SER C 23 11.19 -5.77 19.59
CA SER C 23 11.11 -5.20 18.25
C SER C 23 12.08 -5.91 17.30
N GLU C 24 13.35 -6.05 17.70
CA GLU C 24 14.34 -6.73 16.87
C GLU C 24 13.87 -8.12 16.44
N ARG C 25 13.33 -8.91 17.37
CA ARG C 25 12.86 -10.24 16.99
C ARG C 25 11.62 -10.19 16.11
N ALA C 26 10.84 -9.12 16.16
CA ALA C 26 9.72 -8.95 15.25
C ALA C 26 10.14 -8.34 13.92
N GLY C 27 11.43 -8.13 13.71
CA GLY C 27 11.87 -7.40 12.53
C GLY C 27 11.29 -6.02 12.42
N HIS C 28 10.93 -5.41 13.56
CA HIS C 28 10.37 -4.07 13.61
C HIS C 28 9.08 -3.95 12.82
N LYS C 29 8.32 -5.05 12.77
CA LYS C 29 6.99 -5.08 12.17
C LYS C 29 5.95 -5.38 13.24
N CYS C 30 4.74 -4.88 13.01
CA CYS C 30 3.65 -4.98 13.97
C CYS C 30 3.34 -6.44 14.31
N MET C 31 3.15 -6.72 15.60
CA MET C 31 2.86 -8.08 16.05
C MET C 31 1.38 -8.33 16.28
N ALA C 32 0.52 -7.39 15.90
CA ALA C 32 -0.89 -7.49 16.21
C ALA C 32 -1.53 -8.66 15.46
N THR C 33 -2.60 -9.19 16.03
CA THR C 33 -3.40 -10.23 15.41
C THR C 33 -4.85 -9.78 15.46
N GLU C 34 -5.48 -9.68 14.28
CA GLU C 34 -6.92 -9.41 14.18
C GLU C 34 -7.68 -10.72 14.16
N SER C 35 -8.77 -10.77 14.93
CA SER C 35 -9.72 -11.88 14.89
C SER C 35 -11.06 -11.36 14.35
N VAL C 36 -11.52 -11.95 13.26
CA VAL C 36 -12.83 -11.64 12.68
C VAL C 36 -13.63 -12.92 12.76
N ASP C 37 -14.55 -12.99 13.72
CA ASP C 37 -15.40 -14.16 13.92
C ASP C 37 -14.57 -15.44 13.93
N GLY C 38 -13.37 -15.38 14.51
CA GLY C 38 -12.52 -16.53 14.65
C GLY C 38 -11.41 -16.64 13.61
N GLU C 39 -11.56 -15.98 12.46
CA GLU C 39 -10.51 -15.98 11.45
C GLU C 39 -9.42 -15.00 11.83
N LEU C 40 -8.17 -15.48 11.88
CA LEU C 40 -7.04 -14.69 12.34
C LEU C 40 -6.21 -14.16 11.19
N SER C 41 -5.72 -12.94 11.33
CA SER C 41 -4.80 -12.35 10.36
C SER C 41 -3.78 -11.50 11.11
N GLY C 42 -2.61 -11.32 10.49
CA GLY C 42 -1.54 -10.54 11.09
C GLY C 42 -1.50 -9.12 10.52
N CYS C 43 -0.47 -8.39 10.93
CA CYS C 43 -0.27 -7.02 10.47
C CYS C 43 1.15 -6.87 9.95
N ASN C 44 1.29 -6.22 8.80
CA ASN C 44 2.55 -6.08 8.10
C ASN C 44 3.24 -4.74 8.35
N ALA C 45 2.57 -3.80 9.01
CA ALA C 45 3.03 -2.42 9.04
C ALA C 45 4.31 -2.28 9.86
N ALA C 46 5.21 -1.40 9.40
CA ALA C 46 6.39 -1.05 10.17
C ALA C 46 5.96 -0.23 11.39
N ILE C 47 6.73 -0.36 12.47
CA ILE C 47 6.42 0.31 13.72
C ILE C 47 7.27 1.56 13.84
N LEU C 48 6.75 2.54 14.57
CA LEU C 48 7.54 3.70 14.97
C LEU C 48 8.10 3.54 16.37
N LYS C 49 7.27 3.15 17.33
CA LYS C 49 7.68 3.04 18.72
C LYS C 49 8.07 1.60 19.02
N ARG C 50 9.16 1.42 19.76
CA ARG C 50 9.64 0.09 20.07
C ARG C 50 9.31 -0.35 21.48
N GLU C 51 8.66 0.51 22.26
CA GLU C 51 8.04 0.08 23.51
C GLU C 51 6.95 -0.94 23.20
N THR C 52 6.60 -1.76 24.21
CA THR C 52 5.70 -2.87 23.96
C THR C 52 4.45 -2.75 24.81
N MET C 53 3.38 -3.38 24.33
CA MET C 53 2.08 -3.28 24.99
C MET C 53 1.34 -4.60 24.89
N ARG C 54 0.35 -4.76 25.76
CA ARG C 54 -0.54 -5.91 25.69
C ARG C 54 -1.77 -5.62 26.52
N PRO C 55 -2.90 -6.25 26.21
CA PRO C 55 -4.14 -5.96 26.95
C PRO C 55 -4.22 -6.64 28.30
N SER C 56 -3.48 -7.71 28.52
CA SER C 56 -3.46 -8.39 29.80
C SER C 56 -2.19 -9.22 29.85
N SER C 57 -1.84 -9.67 31.05
CA SER C 57 -0.67 -10.54 31.20
C SER C 57 -0.92 -11.95 30.69
N ARG C 58 -2.11 -12.24 30.14
CA ARG C 58 -2.38 -13.52 29.52
C ARG C 58 -1.60 -13.72 28.23
N VAL C 59 -1.13 -12.65 27.59
CA VAL C 59 -0.43 -12.75 26.31
C VAL C 59 0.92 -12.06 26.43
N ALA C 60 1.79 -12.37 25.47
CA ALA C 60 3.14 -11.79 25.44
C ALA C 60 3.09 -10.32 25.00
N LEU C 61 4.11 -9.58 25.41
CA LEU C 61 4.24 -8.18 25.00
C LEU C 61 4.50 -8.07 23.49
N MET C 62 3.98 -7.01 22.88
CA MET C 62 4.01 -6.82 21.44
C MET C 62 4.47 -5.42 21.09
N VAL C 63 5.23 -5.30 19.99
CA VAL C 63 5.38 -4.00 19.35
C VAL C 63 4.23 -3.84 18.38
N LEU C 64 3.76 -2.60 18.21
CA LEU C 64 2.57 -2.35 17.42
C LEU C 64 2.80 -1.16 16.51
N CYS C 65 2.15 -1.18 15.34
CA CYS C 65 2.10 -0.01 14.47
C CYS C 65 1.20 1.05 15.09
N GLU C 66 1.22 2.25 14.51
CA GLU C 66 0.46 3.37 15.05
C GLU C 66 -1.03 3.06 15.12
N THR C 67 -1.57 2.39 14.08
CA THR C 67 -2.99 2.07 14.06
C THR C 67 -3.36 1.10 15.18
N HIS C 68 -2.58 0.03 15.34
CA HIS C 68 -2.97 -0.95 16.35
C HIS C 68 -2.69 -0.42 17.75
N ARG C 69 -1.73 0.49 17.90
CA ARG C 69 -1.57 1.14 19.21
C ARG C 69 -2.79 2.02 19.54
N ALA C 70 -3.27 2.78 18.55
CA ALA C 70 -4.48 3.56 18.78
C ALA C 70 -5.64 2.66 19.15
N ARG C 71 -5.76 1.52 18.47
CA ARG C 71 -6.85 0.60 18.80
C ARG C 71 -6.66 -0.01 20.19
N MET C 72 -5.42 -0.23 20.61
CA MET C 72 -5.16 -0.80 21.92
C MET C 72 -5.60 0.15 23.03
N VAL C 73 -5.24 1.43 22.91
CA VAL C 73 -5.57 2.37 23.99
C VAL C 73 -7.05 2.68 24.06
N LYS C 74 -7.81 2.36 23.01
CA LYS C 74 -9.26 2.46 23.01
C LYS C 74 -9.93 1.24 23.64
N HIS C 75 -9.15 0.26 24.10
CA HIS C 75 -9.69 -0.99 24.67
C HIS C 75 -10.43 -1.81 23.63
N HIS C 76 -9.93 -1.81 22.39
CA HIS C 76 -10.51 -2.61 21.33
C HIS C 76 -9.77 -3.90 21.07
N CYS C 77 -8.78 -4.22 21.90
CA CYS C 77 -8.11 -5.51 21.88
C CYS C 77 -8.61 -6.36 23.05
N CYS C 78 -8.87 -7.65 22.78
CA CYS C 78 -9.49 -8.49 23.81
C CYS C 78 -8.49 -8.93 24.86
N PRO C 79 -8.69 -8.59 26.14
CA PRO C 79 -7.72 -9.02 27.17
C PRO C 79 -7.68 -10.51 27.41
N GLY C 80 -8.66 -11.28 26.95
CA GLY C 80 -8.65 -12.72 27.19
C GLY C 80 -7.72 -13.45 26.24
N CYS C 81 -7.81 -13.14 24.96
CA CYS C 81 -7.06 -13.85 23.96
C CYS C 81 -5.94 -13.03 23.33
N GLY C 82 -6.00 -11.70 23.45
CA GLY C 82 -4.98 -10.85 22.85
C GLY C 82 -5.24 -10.47 21.41
N TYR C 83 -6.41 -10.82 20.87
CA TYR C 83 -6.75 -10.49 19.49
C TYR C 83 -7.61 -9.23 19.43
N PHE C 84 -7.43 -8.46 18.35
CA PHE C 84 -8.13 -7.20 18.18
C PHE C 84 -9.54 -7.41 17.66
N CYS C 85 -10.48 -6.65 18.23
CA CYS C 85 -11.88 -6.66 17.79
C CYS C 85 -12.12 -5.41 16.94
N THR C 86 -11.84 -5.54 15.65
CA THR C 86 -12.05 -4.45 14.69
C THR C 86 -13.28 -4.67 13.82
N ALA C 87 -13.51 -5.91 13.39
CA ALA C 87 -14.68 -6.26 12.59
C ALA C 87 -15.17 -7.64 13.03
N GLY C 88 -16.37 -7.97 12.59
CA GLY C 88 -16.99 -9.21 13.02
C GLY C 88 -17.95 -8.97 14.17
N THR C 89 -18.26 -10.06 14.86
CA THR C 89 -19.16 -10.03 16.01
C THR C 89 -18.36 -10.18 17.29
N PHE C 90 -18.69 -9.38 18.31
CA PHE C 90 -18.06 -9.49 19.61
C PHE C 90 -18.94 -8.75 20.62
N LEU C 91 -18.51 -8.72 21.87
CA LEU C 91 -19.22 -8.04 22.94
C LEU C 91 -18.60 -6.69 23.24
N GLU C 92 -19.46 -5.77 23.70
CA GLU C 92 -19.05 -4.42 24.07
C GLU C 92 -19.63 -4.07 25.43
N CYS C 93 -18.76 -3.50 26.26
CA CYS C 93 -19.12 -2.89 27.54
C CYS C 93 -19.10 -1.38 27.32
N HIS C 94 -20.12 -0.68 27.83
CA HIS C 94 -20.26 0.76 27.62
C HIS C 94 -20.28 1.46 28.96
N PRO C 95 -19.12 1.80 29.54
CA PRO C 95 -19.12 2.34 30.91
C PRO C 95 -19.46 3.81 30.99
N ASP C 96 -19.28 4.54 29.89
CA ASP C 96 -19.40 5.98 29.89
C ASP C 96 -19.63 6.42 28.45
N PHE C 97 -20.04 7.68 28.30
CA PHE C 97 -20.33 8.26 27.00
C PHE C 97 -19.17 8.07 26.03
N ARG C 98 -19.46 7.43 24.89
CA ARG C 98 -18.51 7.24 23.80
C ARG C 98 -17.28 6.43 24.22
N VAL C 99 -17.45 5.54 25.19
CA VAL C 99 -16.41 4.58 25.58
C VAL C 99 -16.92 3.18 25.28
N ALA C 100 -16.07 2.35 24.68
CA ALA C 100 -16.44 0.98 24.34
C ALA C 100 -15.30 0.04 24.66
N HIS C 101 -15.58 -0.97 25.48
CA HIS C 101 -14.61 -2.01 25.81
C HIS C 101 -14.99 -3.27 25.04
N ARG C 102 -14.11 -3.74 24.18
CA ARG C 102 -14.44 -4.86 23.31
C ARG C 102 -13.80 -6.15 23.80
N PHE C 103 -14.55 -7.25 23.73
CA PHE C 103 -14.02 -8.55 24.12
C PHE C 103 -14.94 -9.63 23.58
N HIS C 104 -14.43 -10.87 23.58
CA HIS C 104 -15.21 -12.02 23.11
C HIS C 104 -16.04 -12.59 24.26
N LYS C 105 -17.21 -13.15 23.91
CA LYS C 105 -18.04 -13.75 24.95
C LYS C 105 -17.28 -14.81 25.74
N ALA C 106 -16.53 -15.65 25.05
CA ALA C 106 -15.72 -16.66 25.72
C ALA C 106 -14.57 -16.07 26.52
N CYS C 107 -14.33 -14.76 26.44
CA CYS C 107 -13.20 -14.14 27.11
C CYS C 107 -13.60 -13.23 28.28
N VAL C 108 -14.84 -13.34 28.77
CA VAL C 108 -15.25 -12.53 29.91
C VAL C 108 -14.45 -12.97 31.13
N SER C 109 -14.31 -12.05 32.09
CA SER C 109 -13.81 -12.43 33.40
C SER C 109 -14.91 -13.17 34.14
N GLN C 110 -14.51 -14.13 34.99
CA GLN C 110 -15.47 -14.85 35.81
C GLN C 110 -15.04 -14.79 37.27
N LEU C 111 -16.01 -14.58 38.16
CA LEU C 111 -15.75 -14.53 39.59
C LEU C 111 -17.05 -14.84 40.33
N ASN C 112 -17.00 -15.74 41.32
CA ASN C 112 -18.19 -16.14 42.07
C ASN C 112 -19.32 -16.59 41.15
N GLY C 113 -18.98 -17.19 40.00
CA GLY C 113 -20.00 -17.62 39.07
C GLY C 113 -20.63 -16.52 38.23
N MET C 114 -20.14 -15.29 38.34
CA MET C 114 -20.67 -14.15 37.60
C MET C 114 -19.63 -13.64 36.60
N VAL C 115 -20.07 -12.82 35.65
CA VAL C 115 -19.20 -12.45 34.53
C VAL C 115 -18.96 -10.94 34.55
N PHE C 116 -17.77 -10.54 34.13
CA PHE C 116 -17.33 -9.15 34.22
C PHE C 116 -16.50 -8.77 33.00
N CYS C 117 -16.61 -7.50 32.61
CA CYS C 117 -15.83 -6.95 31.51
C CYS C 117 -14.35 -7.18 31.79
N PRO C 118 -13.60 -7.82 30.89
CA PRO C 118 -12.18 -8.08 31.15
C PRO C 118 -11.31 -6.84 31.08
N HIS C 119 -11.82 -5.70 30.56
CA HIS C 119 -11.04 -4.48 30.66
C HIS C 119 -11.22 -3.82 32.04
N CYS C 120 -12.47 -3.56 32.43
CA CYS C 120 -12.75 -2.67 33.55
C CYS C 120 -13.43 -3.32 34.74
N GLY C 121 -13.85 -4.57 34.62
CA GLY C 121 -14.41 -5.26 35.77
C GLY C 121 -15.85 -4.93 36.09
N GLU C 122 -16.54 -4.19 35.22
CA GLU C 122 -17.95 -3.95 35.45
C GLU C 122 -18.77 -5.17 35.04
N ASP C 123 -19.91 -5.35 35.71
CA ASP C 123 -20.78 -6.50 35.43
C ASP C 123 -21.06 -6.59 33.94
N ALA C 124 -20.85 -7.77 33.37
CA ALA C 124 -21.05 -7.96 31.94
C ALA C 124 -22.22 -8.88 31.63
N SER C 125 -23.13 -9.10 32.59
CA SER C 125 -24.23 -10.01 32.37
C SER C 125 -25.15 -9.56 31.24
N GLU C 126 -25.14 -8.27 30.89
CA GLU C 126 -25.91 -7.76 29.77
C GLU C 126 -25.04 -6.90 28.85
N ALA C 127 -23.78 -7.28 28.70
CA ALA C 127 -22.95 -6.65 27.69
C ALA C 127 -23.56 -6.87 26.30
N GLN C 128 -23.41 -5.87 25.44
CA GLN C 128 -24.13 -5.88 24.16
C GLN C 128 -23.32 -6.64 23.11
N GLU C 129 -23.97 -7.56 22.42
CA GLU C 129 -23.36 -8.16 21.24
C GLU C 129 -23.48 -7.19 20.06
N VAL C 130 -22.34 -6.91 19.41
CA VAL C 130 -22.28 -5.99 18.29
C VAL C 130 -21.61 -6.69 17.10
N THR C 131 -21.93 -6.21 15.91
CA THR C 131 -21.31 -6.68 14.68
C THR C 131 -20.89 -5.47 13.86
N ILE C 132 -19.63 -5.43 13.49
CA ILE C 132 -19.04 -4.31 12.75
C ILE C 132 -18.57 -4.86 11.40
N PRO C 133 -19.00 -4.30 10.28
CA PRO C 133 -18.54 -4.80 8.98
C PRO C 133 -17.10 -4.40 8.71
N ARG C 134 -16.46 -5.19 7.84
CA ARG C 134 -15.10 -4.89 7.41
C ARG C 134 -15.03 -3.58 6.64
N SER D 2 -1.25 33.72 -12.04
CA SER D 2 -0.35 33.98 -10.92
C SER D 2 0.46 32.73 -10.57
N GLY D 3 -0.05 31.56 -10.96
CA GLY D 3 0.68 30.32 -10.79
C GLY D 3 1.30 29.85 -12.11
N PHE D 4 2.23 28.91 -11.99
CA PHE D 4 2.88 28.33 -13.17
C PHE D 4 1.88 27.56 -14.04
N GLU D 5 0.93 26.87 -13.41
CA GLU D 5 -0.08 26.07 -14.10
C GLU D 5 -1.41 26.26 -13.37
N GLU D 6 -2.33 27.00 -13.98
CA GLU D 6 -3.65 27.26 -13.36
C GLU D 6 -4.73 26.37 -13.95
N LEU D 7 -4.47 25.08 -13.94
CA LEU D 7 -5.38 24.11 -14.51
C LEU D 7 -6.59 23.92 -13.60
N PRO D 8 -7.79 23.76 -14.16
CA PRO D 8 -8.94 23.42 -13.33
C PRO D 8 -8.74 22.07 -12.65
N LEU D 9 -9.27 21.97 -11.43
CA LEU D 9 -9.24 20.75 -10.62
C LEU D 9 -10.66 20.43 -10.20
N CYS D 10 -10.98 19.16 -10.13
CA CYS D 10 -12.34 18.79 -9.78
C CYS D 10 -12.59 18.95 -8.26
N SER D 11 -13.87 18.88 -7.89
CA SER D 11 -14.29 18.94 -6.48
C SER D 11 -15.00 17.66 -6.06
N CYS D 12 -14.72 16.55 -6.75
CA CYS D 12 -15.50 15.32 -6.59
C CYS D 12 -15.50 14.82 -5.15
N ARG D 13 -14.48 15.12 -4.38
CA ARG D 13 -14.39 14.61 -3.01
C ARG D 13 -14.84 15.62 -1.95
N MET D 14 -15.21 16.82 -2.33
CA MET D 14 -15.72 17.78 -1.35
C MET D 14 -17.18 17.46 -1.01
N GLU D 15 -17.64 18.03 0.11
CA GLU D 15 -19.02 17.88 0.54
C GLU D 15 -19.54 19.23 1.00
N ALA D 16 -20.65 19.64 0.46
CA ALA D 16 -21.17 20.88 1.02
C ALA D 16 -22.16 20.56 2.14
N PRO D 17 -22.23 21.41 3.17
CA PRO D 17 -23.16 21.17 4.27
C PRO D 17 -24.62 21.21 3.81
N LYS D 18 -25.48 20.56 4.59
CA LYS D 18 -26.90 20.41 4.30
C LYS D 18 -27.73 21.65 4.66
N ILE D 19 -27.11 22.83 4.83
CA ILE D 19 -27.88 23.99 5.28
C ILE D 19 -28.72 24.61 4.17
N ASP D 20 -28.44 24.29 2.91
CA ASP D 20 -29.19 24.85 1.79
C ASP D 20 -30.52 24.17 1.55
N ARG D 21 -30.84 23.11 2.30
CA ARG D 21 -32.11 22.38 2.15
C ARG D 21 -32.31 21.91 0.72
N ILE D 22 -31.22 21.58 0.03
CA ILE D 22 -31.33 21.12 -1.35
C ILE D 22 -31.99 19.75 -1.39
N SER D 23 -31.69 18.88 -0.41
CA SER D 23 -32.33 17.57 -0.35
C SER D 23 -33.82 17.71 -0.11
N GLU D 24 -34.21 18.61 0.81
CA GLU D 24 -35.63 18.84 1.07
C GLU D 24 -36.38 19.21 -0.20
N ARG D 25 -35.81 20.10 -1.03
CA ARG D 25 -36.49 20.46 -2.26
C ARG D 25 -36.37 19.38 -3.33
N ALA D 26 -35.42 18.46 -3.20
CA ALA D 26 -35.35 17.31 -4.10
C ALA D 26 -36.24 16.17 -3.66
N GLY D 27 -37.02 16.36 -2.59
CA GLY D 27 -37.79 15.27 -2.03
C GLY D 27 -36.95 14.15 -1.49
N HIS D 28 -35.68 14.43 -1.15
CA HIS D 28 -34.76 13.41 -0.66
C HIS D 28 -34.61 12.26 -1.64
N LYS D 29 -34.65 12.58 -2.94
CA LYS D 29 -34.32 11.64 -4.00
C LYS D 29 -33.01 12.03 -4.67
N CYS D 30 -32.27 11.01 -5.09
CA CYS D 30 -30.95 11.21 -5.70
C CYS D 30 -31.05 12.04 -6.97
N MET D 31 -30.20 13.05 -7.09
CA MET D 31 -30.25 13.99 -8.21
C MET D 31 -29.27 13.63 -9.32
N ALA D 32 -28.64 12.47 -9.24
CA ALA D 32 -27.65 12.08 -10.24
C ALA D 32 -28.30 11.88 -11.61
N THR D 33 -27.51 12.14 -12.64
CA THR D 33 -27.86 11.82 -14.01
C THR D 33 -26.74 10.98 -14.59
N GLU D 34 -27.10 9.85 -15.19
CA GLU D 34 -26.16 8.98 -15.86
C GLU D 34 -26.22 9.26 -17.36
N SER D 35 -25.06 9.15 -18.02
CA SER D 35 -24.95 9.35 -19.46
C SER D 35 -24.31 8.10 -20.07
N VAL D 36 -25.02 7.47 -20.99
CA VAL D 36 -24.54 6.30 -21.70
C VAL D 36 -24.54 6.66 -23.18
N ASP D 37 -23.36 6.99 -23.70
CA ASP D 37 -23.19 7.45 -25.08
C ASP D 37 -24.25 8.50 -25.43
N GLY D 38 -24.36 9.51 -24.58
CA GLY D 38 -25.26 10.62 -24.82
C GLY D 38 -26.68 10.40 -24.38
N GLU D 39 -27.07 9.20 -23.98
CA GLU D 39 -28.42 8.94 -23.50
C GLU D 39 -28.46 9.19 -21.99
N LEU D 40 -29.35 10.08 -21.57
CA LEU D 40 -29.38 10.51 -20.18
C LEU D 40 -30.48 9.79 -19.43
N SER D 41 -30.21 9.45 -18.17
CA SER D 41 -31.25 8.87 -17.32
C SER D 41 -31.02 9.32 -15.89
N GLY D 42 -32.11 9.64 -15.19
CA GLY D 42 -32.03 10.02 -13.80
C GLY D 42 -31.89 8.82 -12.88
N CYS D 43 -31.75 9.11 -11.59
CA CYS D 43 -31.67 8.07 -10.56
C CYS D 43 -32.89 8.08 -9.70
N ASN D 44 -33.06 9.11 -8.84
CA ASN D 44 -34.21 9.33 -7.98
C ASN D 44 -34.35 8.26 -6.89
N ALA D 45 -33.27 7.54 -6.59
CA ALA D 45 -33.26 6.65 -5.45
C ALA D 45 -33.24 7.45 -4.15
N ALA D 46 -33.89 6.88 -3.13
CA ALA D 46 -33.97 7.57 -1.84
C ALA D 46 -32.58 7.77 -1.27
N ILE D 47 -32.32 8.97 -0.73
CA ILE D 47 -31.01 9.30 -0.21
C ILE D 47 -30.98 9.05 1.30
N LEU D 48 -29.79 8.79 1.82
CA LEU D 48 -29.53 8.64 3.25
C LEU D 48 -28.87 9.88 3.85
N LYS D 49 -27.83 10.38 3.19
CA LYS D 49 -27.06 11.52 3.64
C LYS D 49 -27.43 12.75 2.82
N ARG D 50 -27.60 13.88 3.52
CA ARG D 50 -28.12 15.10 2.90
C ARG D 50 -27.04 16.09 2.50
N GLU D 51 -25.77 15.82 2.79
CA GLU D 51 -24.71 16.67 2.26
C GLU D 51 -24.70 16.59 0.74
N THR D 52 -24.33 17.68 0.08
CA THR D 52 -24.41 17.80 -1.37
C THR D 52 -23.02 17.70 -1.98
N MET D 53 -22.96 17.27 -3.26
CA MET D 53 -21.68 17.05 -3.92
C MET D 53 -21.79 17.41 -5.39
N ARG D 54 -20.64 17.61 -6.02
CA ARG D 54 -20.60 17.91 -7.44
C ARG D 54 -19.17 17.75 -7.93
N PRO D 55 -18.97 17.37 -9.18
CA PRO D 55 -17.61 17.20 -9.69
C PRO D 55 -16.87 18.51 -9.96
N SER D 56 -17.60 19.61 -10.13
CA SER D 56 -17.00 20.90 -10.43
C SER D 56 -18.04 21.98 -10.18
N SER D 57 -17.59 23.22 -10.06
CA SER D 57 -18.54 24.30 -9.86
C SER D 57 -19.33 24.63 -11.12
N ARG D 58 -19.11 23.92 -12.23
CA ARG D 58 -19.91 24.12 -13.44
C ARG D 58 -21.35 23.68 -13.27
N VAL D 59 -21.61 22.76 -12.34
CA VAL D 59 -22.95 22.21 -12.17
C VAL D 59 -23.46 22.54 -10.78
N ALA D 60 -24.78 22.36 -10.62
CA ALA D 60 -25.39 22.61 -9.33
C ALA D 60 -25.09 21.47 -8.36
N LEU D 61 -25.05 21.81 -7.09
CA LEU D 61 -24.86 20.82 -6.03
C LEU D 61 -25.98 19.78 -6.05
N MET D 62 -25.62 18.53 -5.74
CA MET D 62 -26.55 17.42 -5.78
C MET D 62 -26.53 16.66 -4.46
N VAL D 63 -27.72 16.23 -3.98
CA VAL D 63 -27.79 15.17 -2.99
C VAL D 63 -27.81 13.85 -3.75
N LEU D 64 -27.11 12.85 -3.22
CA LEU D 64 -26.89 11.63 -3.97
C LEU D 64 -27.23 10.43 -3.09
N CYS D 65 -27.65 9.34 -3.74
CA CYS D 65 -27.80 8.07 -3.07
C CYS D 65 -26.41 7.50 -2.73
N GLU D 66 -26.41 6.41 -1.94
CA GLU D 66 -25.12 5.82 -1.53
C GLU D 66 -24.27 5.40 -2.73
N THR D 67 -24.90 4.81 -3.76
CA THR D 67 -24.13 4.35 -4.92
C THR D 67 -23.52 5.51 -5.68
N HIS D 68 -24.29 6.55 -5.90
CA HIS D 68 -23.79 7.69 -6.62
C HIS D 68 -22.73 8.44 -5.83
N ARG D 69 -22.88 8.49 -4.53
CA ARG D 69 -21.82 9.05 -3.70
C ARG D 69 -20.51 8.28 -3.90
N ALA D 70 -20.59 6.95 -3.81
CA ALA D 70 -19.41 6.13 -4.03
C ALA D 70 -18.79 6.39 -5.41
N ARG D 71 -19.63 6.54 -6.45
CA ARG D 71 -19.06 6.75 -7.77
C ARG D 71 -18.46 8.15 -7.90
N MET D 72 -19.03 9.12 -7.19
CA MET D 72 -18.51 10.48 -7.22
C MET D 72 -17.10 10.52 -6.61
N VAL D 73 -16.94 9.92 -5.44
CA VAL D 73 -15.63 9.92 -4.76
C VAL D 73 -14.56 9.20 -5.57
N LYS D 74 -14.94 8.36 -6.54
CA LYS D 74 -13.97 7.69 -7.37
C LYS D 74 -13.60 8.48 -8.62
N HIS D 75 -14.14 9.70 -8.77
CA HIS D 75 -13.91 10.53 -9.96
C HIS D 75 -14.57 9.92 -11.20
N HIS D 76 -15.72 9.28 -11.03
CA HIS D 76 -16.48 8.72 -12.15
C HIS D 76 -17.57 9.67 -12.66
N CYS D 77 -17.69 10.85 -12.08
CA CYS D 77 -18.62 11.84 -12.59
C CYS D 77 -17.84 12.88 -13.40
N CYS D 78 -18.37 13.27 -14.55
CA CYS D 78 -17.61 14.14 -15.45
C CYS D 78 -17.64 15.59 -14.97
N PRO D 79 -16.50 16.19 -14.63
CA PRO D 79 -16.53 17.59 -14.16
C PRO D 79 -17.03 18.56 -15.20
N GLY D 80 -16.98 18.20 -16.48
CA GLY D 80 -17.40 19.15 -17.50
C GLY D 80 -18.91 19.32 -17.56
N CYS D 81 -19.64 18.22 -17.54
CA CYS D 81 -21.10 18.26 -17.72
C CYS D 81 -21.87 17.75 -16.52
N GLY D 82 -21.22 17.14 -15.55
CA GLY D 82 -21.91 16.66 -14.37
C GLY D 82 -22.61 15.33 -14.51
N TYR D 83 -22.50 14.65 -15.65
CA TYR D 83 -23.13 13.35 -15.83
C TYR D 83 -22.16 12.23 -15.45
N PHE D 84 -22.71 11.15 -14.89
CA PHE D 84 -21.89 10.02 -14.45
C PHE D 84 -21.51 9.17 -15.65
N CYS D 85 -20.26 8.70 -15.64
CA CYS D 85 -19.72 7.81 -16.66
C CYS D 85 -19.66 6.41 -16.07
N THR D 86 -20.76 5.66 -16.20
CA THR D 86 -20.82 4.30 -15.69
C THR D 86 -20.76 3.26 -16.79
N ALA D 87 -21.37 3.53 -17.95
CA ALA D 87 -21.33 2.60 -19.06
C ALA D 87 -21.19 3.40 -20.35
N GLY D 88 -20.88 2.67 -21.43
CA GLY D 88 -20.65 3.29 -22.72
C GLY D 88 -19.20 3.65 -22.91
N THR D 89 -18.97 4.62 -23.79
CA THR D 89 -17.64 5.06 -24.18
C THR D 89 -17.33 6.40 -23.55
N PHE D 90 -16.12 6.54 -23.02
CA PHE D 90 -15.65 7.82 -22.48
C PHE D 90 -14.14 7.75 -22.34
N LEU D 91 -13.55 8.81 -21.81
CA LEU D 91 -12.11 8.89 -21.62
C LEU D 91 -11.77 8.64 -20.16
N GLU D 92 -10.63 7.98 -19.93
CA GLU D 92 -10.13 7.70 -18.60
C GLU D 92 -8.68 8.16 -18.52
N CYS D 93 -8.36 8.94 -17.49
CA CYS D 93 -7.01 9.35 -17.16
C CYS D 93 -6.55 8.52 -15.98
N HIS D 94 -5.34 7.95 -16.07
CA HIS D 94 -4.80 7.03 -15.05
C HIS D 94 -3.54 7.62 -14.42
N PRO D 95 -3.69 8.50 -13.44
CA PRO D 95 -2.53 9.18 -12.86
C PRO D 95 -1.86 8.44 -11.71
N ASP D 96 -2.49 7.41 -11.15
CA ASP D 96 -1.96 6.67 -10.01
C ASP D 96 -2.50 5.24 -10.09
N PHE D 97 -2.04 4.41 -9.16
CA PHE D 97 -2.42 3.01 -9.13
C PHE D 97 -3.90 2.88 -8.76
N ARG D 98 -4.66 2.17 -9.61
CA ARG D 98 -6.08 1.90 -9.38
C ARG D 98 -6.92 3.18 -9.34
N VAL D 99 -6.55 4.18 -10.12
CA VAL D 99 -7.26 5.44 -10.17
C VAL D 99 -7.73 5.67 -11.60
N ALA D 100 -9.00 6.01 -11.77
CA ALA D 100 -9.56 6.30 -13.08
C ALA D 100 -10.32 7.62 -12.99
N HIS D 101 -9.81 8.65 -13.66
CA HIS D 101 -10.51 9.92 -13.82
C HIS D 101 -11.34 9.84 -15.11
N ARG D 102 -12.67 9.78 -15.00
CA ARG D 102 -13.51 9.62 -16.19
C ARG D 102 -14.10 10.96 -16.63
N PHE D 103 -14.12 11.18 -17.96
CA PHE D 103 -14.66 12.41 -18.52
C PHE D 103 -14.92 12.20 -20.00
N HIS D 104 -15.79 13.03 -20.57
CA HIS D 104 -16.07 12.98 -22.01
C HIS D 104 -15.04 13.77 -22.80
N LYS D 105 -14.86 13.38 -24.07
CA LYS D 105 -13.96 14.10 -24.97
C LYS D 105 -14.24 15.59 -24.95
N ALA D 106 -15.52 15.97 -25.10
CA ALA D 106 -15.95 17.36 -25.16
C ALA D 106 -15.84 18.08 -23.82
N CYS D 107 -15.44 17.40 -22.75
CA CYS D 107 -15.40 18.00 -21.43
C CYS D 107 -13.98 18.15 -20.88
N VAL D 108 -12.95 18.02 -21.72
CA VAL D 108 -11.58 18.30 -21.27
C VAL D 108 -11.43 19.77 -20.89
N SER D 109 -10.49 20.06 -19.99
CA SER D 109 -10.09 21.45 -19.79
C SER D 109 -9.23 21.91 -20.96
N GLN D 110 -9.35 23.20 -21.30
CA GLN D 110 -8.53 23.75 -22.37
C GLN D 110 -7.77 24.95 -21.87
N LEU D 111 -6.46 24.92 -22.03
CA LEU D 111 -5.59 26.01 -21.63
C LEU D 111 -4.52 26.17 -22.68
N ASN D 112 -4.34 27.39 -23.16
CA ASN D 112 -3.29 27.72 -24.13
C ASN D 112 -3.35 26.84 -25.37
N GLY D 113 -4.56 26.54 -25.84
CA GLY D 113 -4.73 25.70 -27.00
C GLY D 113 -4.49 24.22 -26.79
N MET D 114 -4.23 23.77 -25.56
CA MET D 114 -3.99 22.37 -25.24
C MET D 114 -5.09 21.87 -24.31
N VAL D 115 -5.19 20.54 -24.16
CA VAL D 115 -6.31 19.95 -23.43
C VAL D 115 -5.80 19.07 -22.29
N PHE D 116 -6.57 19.02 -21.21
CA PHE D 116 -6.13 18.40 -19.97
C PHE D 116 -7.29 17.69 -19.29
N CYS D 117 -6.94 16.71 -18.46
CA CYS D 117 -7.93 16.00 -17.67
C CYS D 117 -8.67 17.00 -16.76
N PRO D 118 -10.00 16.98 -16.74
CA PRO D 118 -10.73 17.97 -15.93
C PRO D 118 -10.74 17.65 -14.44
N HIS D 119 -10.17 16.53 -14.05
CA HIS D 119 -10.07 16.31 -12.66
C HIS D 119 -8.74 16.76 -12.06
N CYS D 120 -7.63 16.38 -12.71
CA CYS D 120 -6.31 16.55 -12.12
C CYS D 120 -5.36 17.41 -12.93
N GLY D 121 -5.69 17.78 -14.17
CA GLY D 121 -4.84 18.63 -14.96
C GLY D 121 -3.78 17.93 -15.79
N GLU D 122 -3.69 16.60 -15.71
CA GLU D 122 -2.74 15.88 -16.55
C GLU D 122 -3.09 16.05 -18.03
N ASP D 123 -2.07 16.12 -18.87
CA ASP D 123 -2.28 16.22 -20.30
C ASP D 123 -3.30 15.20 -20.77
N ALA D 124 -4.31 15.67 -21.52
CA ALA D 124 -5.41 14.83 -21.98
C ALA D 124 -5.04 13.96 -23.16
N SER D 125 -3.83 14.09 -23.70
CA SER D 125 -3.34 13.09 -24.64
C SER D 125 -3.05 11.76 -23.94
N GLU D 126 -2.84 11.77 -22.62
CA GLU D 126 -2.55 10.57 -21.84
C GLU D 126 -3.78 9.75 -21.49
N ALA D 127 -4.97 10.22 -21.81
CA ALA D 127 -6.19 9.50 -21.48
C ALA D 127 -6.52 8.52 -22.59
N GLN D 128 -6.98 7.33 -22.21
CA GLN D 128 -7.42 6.35 -23.19
C GLN D 128 -8.94 6.31 -23.25
N GLU D 129 -9.46 6.10 -24.46
CA GLU D 129 -10.88 5.89 -24.66
C GLU D 129 -11.23 4.46 -24.25
N VAL D 130 -12.19 4.32 -23.32
CA VAL D 130 -12.64 3.02 -22.85
C VAL D 130 -14.12 2.87 -23.15
N THR D 131 -14.56 1.61 -23.21
CA THR D 131 -15.96 1.26 -23.41
C THR D 131 -16.34 0.28 -22.31
N ILE D 132 -17.28 0.68 -21.47
CA ILE D 132 -17.76 -0.14 -20.36
C ILE D 132 -19.17 -0.62 -20.71
N PRO D 133 -19.43 -1.91 -20.67
CA PRO D 133 -20.78 -2.40 -20.92
C PRO D 133 -21.66 -2.20 -19.69
N ARG D 134 -22.97 -2.19 -19.93
CA ARG D 134 -23.90 -2.05 -18.82
C ARG D 134 -23.78 -3.24 -17.87
N GLY D 135 -24.19 -3.02 -16.62
CA GLY D 135 -24.25 -4.09 -15.65
C GLY D 135 -22.93 -4.34 -14.94
N ASP D 136 -22.99 -5.27 -13.99
CA ASP D 136 -21.80 -5.70 -13.24
C ASP D 136 -21.01 -6.77 -13.99
#